data_1ZD5
#
_entry.id   1ZD5
#
_cell.length_a   92.520
_cell.length_b   92.520
_cell.length_c   243.400
_cell.angle_alpha   90.00
_cell.angle_beta   90.00
_cell.angle_gamma   120.00
#
_symmetry.space_group_name_H-M   'P 65 2 2'
#
loop_
_entity.id
_entity.type
_entity.pdbx_description
1 polymer 'epoxide hydrolase 2, cytoplasmic'
2 non-polymer 'MAGNESIUM ION'
3 non-polymer 'PHOSPHATE ION'
4 non-polymer '7-{[(CYCLOHEXYLAMINO)CARBONYL]AMINO}HEPTANOIC ACID'
5 water water
#
_entity_poly.entity_id   1
_entity_poly.type   'polypeptide(L)'
_entity_poly.pdbx_seq_one_letter_code
;MTLRAAVFDLDGVLALPAVFGVLGRTEEALALPRGLLNDAFQKGGPEGATTRLMKGEITLSQWIPLMEENCRKCSETAKV
CLPKNFSIKEIFDKAISARKINRPMLQAALMLRKKGFTTAILTNTWLDDRAERDGLAQLMCELKMHFDFLIESCQVGMVK
PEPQIYKFLLDTLKASPSEVVFLDDIGANLKPARDLGMVTILVQDTDTALKELEKVTGIQLLNTPAPLPTSCNPSDMSHG
YVTVKPRVRLHFVELGSGPAVCLCHGFPESWYSWRYQIPALAQAGYRVLAMDMKGYGESSAPPEIEEYCMEVLCKEMVTF
LDKLGLSQAVFIGHDWGGMLVWYMALFYPERVRAVASLNTPFIPANPNMSPLESIKANPVFDYQLYFQEPGVAEAELEQN
LSRTFKSLFRASDESVLSMHKVCEAGGLFVNSPEEPSLSRMVTEEEIQFYVQQFKKSGFRGPLNWYRNMERNWKWACKSL
GRKILIPALMVTAEKDFVLVPQMSQHMEDWIPHLKRGHIEDCGHWTQMDKPTEVNQILIKWLDSDARNPPVVSKM
;
_entity_poly.pdbx_strand_id   A
#
loop_
_chem_comp.id
_chem_comp.type
_chem_comp.name
_chem_comp.formula
MG non-polymer 'MAGNESIUM ION' 'Mg 2'
NC7 non-polymer '7-{[(CYCLOHEXYLAMINO)CARBONYL]AMINO}HEPTANOIC ACID' 'C14 H26 N2 O3'
PO4 non-polymer 'PHOSPHATE ION' 'O4 P -3'
#
# COMPACT_ATOMS: atom_id res chain seq x y z
N THR A 2 30.92 5.20 10.03
CA THR A 2 31.33 5.90 8.78
C THR A 2 30.58 5.37 7.55
N LEU A 3 29.94 4.21 7.69
CA LEU A 3 29.18 3.62 6.60
C LEU A 3 28.04 4.54 6.21
N ARG A 4 27.63 4.50 4.96
CA ARG A 4 26.55 5.34 4.47
C ARG A 4 25.77 4.66 3.33
N ALA A 5 26.12 3.42 3.04
CA ALA A 5 25.47 2.68 1.96
C ALA A 5 25.36 1.19 2.25
N ALA A 6 24.18 0.63 1.99
CA ALA A 6 23.95 -0.78 2.20
C ALA A 6 23.50 -1.39 0.87
N VAL A 7 24.18 -2.45 0.45
CA VAL A 7 23.87 -3.13 -0.81
C VAL A 7 23.50 -4.58 -0.47
N PHE A 8 22.32 -5.00 -0.89
CA PHE A 8 21.86 -6.34 -0.59
C PHE A 8 21.76 -7.25 -1.78
N ASP A 9 22.19 -8.49 -1.58
CA ASP A 9 22.13 -9.50 -2.62
C ASP A 9 20.66 -9.92 -2.70
N LEU A 10 20.18 -10.34 -3.86
CA LEU A 10 18.78 -10.73 -3.94
C LEU A 10 18.58 -12.18 -3.49
N ASP A 11 18.90 -13.10 -4.38
CA ASP A 11 18.74 -14.52 -4.09
C ASP A 11 19.63 -14.91 -2.92
N GLY A 12 19.01 -15.11 -1.76
CA GLY A 12 19.77 -15.50 -0.59
C GLY A 12 19.94 -14.41 0.44
N VAL A 13 19.48 -13.20 0.16
CA VAL A 13 19.62 -12.13 1.10
C VAL A 13 18.29 -11.41 1.32
N LEU A 14 17.63 -10.99 0.25
CA LEU A 14 16.33 -10.35 0.41
C LEU A 14 15.26 -11.31 -0.09
N ALA A 15 15.71 -12.39 -0.74
CA ALA A 15 14.81 -13.40 -1.29
C ALA A 15 15.26 -14.79 -0.88
N LEU A 16 14.31 -15.63 -0.45
CA LEU A 16 14.58 -17.00 -0.02
C LEU A 16 13.35 -17.84 -0.33
N PRO A 17 13.52 -19.16 -0.52
CA PRO A 17 14.79 -19.88 -0.48
C PRO A 17 15.63 -19.51 -1.68
N ALA A 18 16.94 -19.43 -1.50
CA ALA A 18 17.82 -19.07 -2.60
C ALA A 18 17.58 -19.96 -3.81
N VAL A 19 17.03 -19.42 -4.90
CA VAL A 19 16.86 -20.21 -6.12
C VAL A 19 18.29 -20.67 -6.35
N PHE A 20 18.50 -21.70 -7.17
CA PHE A 20 19.86 -22.19 -7.40
C PHE A 20 20.22 -23.03 -6.18
N GLY A 21 19.68 -22.59 -5.05
CA GLY A 21 19.89 -23.30 -3.82
C GLY A 21 18.98 -24.51 -3.89
N VAL A 22 18.30 -24.64 -5.03
CA VAL A 22 17.37 -25.73 -5.25
C VAL A 22 18.12 -26.91 -5.85
N LEU A 23 19.20 -26.59 -6.58
CA LEU A 23 20.01 -27.61 -7.21
C LEU A 23 20.38 -28.66 -6.16
N GLY A 24 20.97 -28.19 -5.07
CA GLY A 24 21.38 -29.09 -4.00
C GLY A 24 20.26 -29.98 -3.51
N ARG A 25 19.04 -29.46 -3.48
CA ARG A 25 17.90 -30.23 -3.01
C ARG A 25 17.45 -31.24 -4.04
N THR A 26 17.41 -30.83 -5.30
CA THR A 26 17.00 -31.72 -6.37
C THR A 26 17.90 -32.94 -6.45
N GLU A 27 19.14 -32.80 -5.96
CA GLU A 27 20.09 -33.90 -5.96
C GLU A 27 19.78 -34.86 -4.82
N GLU A 28 19.75 -34.34 -3.59
CA GLU A 28 19.45 -35.19 -2.44
C GLU A 28 18.07 -35.81 -2.58
N ALA A 29 17.18 -35.12 -3.28
CA ALA A 29 15.83 -35.62 -3.49
C ALA A 29 15.85 -36.73 -4.54
N LEU A 30 16.42 -36.43 -5.70
CA LEU A 30 16.50 -37.41 -6.78
C LEU A 30 17.64 -38.39 -6.60
N ALA A 31 18.25 -38.36 -5.42
CA ALA A 31 19.35 -39.27 -5.10
C ALA A 31 20.47 -39.20 -6.16
N LEU A 32 20.70 -38.01 -6.70
CA LEU A 32 21.73 -37.83 -7.70
C LEU A 32 23.07 -37.56 -7.00
N PRO A 33 24.19 -37.78 -7.72
CA PRO A 33 25.50 -37.54 -7.13
C PRO A 33 25.58 -36.10 -6.63
N ARG A 34 26.01 -35.92 -5.39
CA ARG A 34 26.11 -34.59 -4.80
C ARG A 34 26.83 -33.59 -5.72
N GLY A 35 26.24 -32.40 -5.87
CA GLY A 35 26.84 -31.37 -6.68
C GLY A 35 26.62 -31.47 -8.18
N LEU A 36 26.18 -32.64 -8.65
CA LEU A 36 25.94 -32.87 -10.08
C LEU A 36 25.22 -31.71 -10.79
N LEU A 37 24.08 -31.31 -10.25
CA LEU A 37 23.31 -30.22 -10.83
C LEU A 37 23.99 -28.86 -10.68
N ASN A 38 24.84 -28.74 -9.67
CA ASN A 38 25.55 -27.49 -9.45
C ASN A 38 26.69 -27.34 -10.45
N ASP A 39 27.32 -28.46 -10.80
CA ASP A 39 28.42 -28.45 -11.75
C ASP A 39 27.88 -28.17 -13.13
N ALA A 40 26.66 -28.60 -13.38
CA ALA A 40 26.02 -28.39 -14.66
C ALA A 40 25.61 -26.91 -14.74
N PHE A 41 25.17 -26.35 -13.61
CA PHE A 41 24.75 -24.95 -13.54
C PHE A 41 25.91 -23.96 -13.75
N GLN A 42 27.14 -24.46 -13.61
CA GLN A 42 28.32 -23.61 -13.75
C GLN A 42 29.27 -24.18 -14.78
N LYS A 43 28.73 -25.08 -15.60
CA LYS A 43 29.48 -25.74 -16.68
C LYS A 43 30.10 -24.73 -17.63
N GLY A 44 31.41 -24.57 -17.57
CA GLY A 44 32.10 -23.64 -18.45
C GLY A 44 32.56 -22.35 -17.80
N GLY A 45 32.13 -22.11 -16.58
CA GLY A 45 32.53 -20.88 -15.89
C GLY A 45 32.20 -19.65 -16.72
N PRO A 46 33.10 -18.66 -16.77
CA PRO A 46 32.89 -17.42 -17.54
C PRO A 46 32.30 -17.61 -18.94
N GLU A 47 32.76 -18.63 -19.66
CA GLU A 47 32.26 -18.89 -21.00
C GLU A 47 30.99 -19.74 -20.95
N GLY A 48 30.64 -20.17 -19.74
CA GLY A 48 29.47 -21.01 -19.57
C GLY A 48 28.11 -20.39 -19.88
N ALA A 49 27.19 -21.24 -20.32
CA ALA A 49 25.86 -20.78 -20.67
C ALA A 49 25.24 -19.96 -19.53
N THR A 50 25.48 -20.36 -18.29
CA THR A 50 24.94 -19.64 -17.14
C THR A 50 25.49 -18.21 -17.05
N THR A 51 26.77 -18.03 -17.37
CA THR A 51 27.35 -16.68 -17.30
C THR A 51 26.80 -15.80 -18.41
N ARG A 52 26.50 -16.38 -19.57
CA ARG A 52 25.94 -15.61 -20.67
C ARG A 52 24.54 -15.17 -20.27
N LEU A 53 23.80 -16.11 -19.68
CA LEU A 53 22.44 -15.87 -19.21
C LEU A 53 22.43 -14.77 -18.16
N MET A 54 23.42 -14.80 -17.27
CA MET A 54 23.54 -13.83 -16.20
C MET A 54 23.94 -12.43 -16.70
N LYS A 55 24.56 -12.37 -17.88
CA LYS A 55 25.00 -11.11 -18.46
C LYS A 55 23.98 -10.46 -19.38
N GLY A 56 22.93 -11.21 -19.72
CA GLY A 56 21.92 -10.66 -20.60
C GLY A 56 22.12 -11.01 -22.06
N GLU A 57 23.09 -11.86 -22.34
CA GLU A 57 23.37 -12.27 -23.72
C GLU A 57 22.22 -13.14 -24.23
N ILE A 58 21.77 -14.06 -23.38
CA ILE A 58 20.68 -14.96 -23.73
C ILE A 58 19.59 -14.89 -22.66
N THR A 59 18.35 -15.17 -23.06
CA THR A 59 17.24 -15.13 -22.13
C THR A 59 17.21 -16.44 -21.35
N LEU A 60 16.40 -16.48 -20.30
CA LEU A 60 16.28 -17.67 -19.47
C LEU A 60 15.79 -18.87 -20.29
N SER A 61 14.81 -18.65 -21.15
CA SER A 61 14.26 -19.72 -21.97
C SER A 61 15.29 -20.31 -22.94
N GLN A 62 16.27 -19.51 -23.31
CA GLN A 62 17.32 -20.00 -24.21
C GLN A 62 18.30 -20.82 -23.39
N TRP A 63 18.51 -20.38 -22.15
CA TRP A 63 19.44 -21.03 -21.23
C TRP A 63 18.97 -22.44 -20.82
N ILE A 64 17.72 -22.55 -20.40
CA ILE A 64 17.17 -23.83 -19.97
C ILE A 64 17.64 -25.02 -20.81
N PRO A 65 17.48 -24.93 -22.13
CA PRO A 65 17.93 -26.06 -22.96
C PRO A 65 19.41 -26.37 -22.74
N LEU A 66 20.23 -25.31 -22.68
CA LEU A 66 21.68 -25.43 -22.49
C LEU A 66 22.07 -26.05 -21.15
N MET A 67 21.33 -25.73 -20.08
CA MET A 67 21.60 -26.27 -18.76
C MET A 67 21.23 -27.75 -18.79
N GLU A 68 20.21 -28.10 -19.57
CA GLU A 68 19.80 -29.51 -19.68
C GLU A 68 20.92 -30.33 -20.29
N GLU A 69 21.54 -29.76 -21.30
CA GLU A 69 22.64 -30.41 -21.98
C GLU A 69 23.77 -30.64 -20.97
N ASN A 70 23.97 -29.66 -20.10
CA ASN A 70 25.00 -29.74 -19.08
C ASN A 70 24.66 -30.76 -18.00
N CYS A 71 23.39 -31.14 -17.91
CA CYS A 71 22.96 -32.13 -16.93
C CYS A 71 23.02 -33.51 -17.56
N ARG A 72 23.45 -33.54 -18.82
CA ARG A 72 23.58 -34.79 -19.54
C ARG A 72 25.07 -35.11 -19.65
N LYS A 73 25.88 -34.07 -19.77
CA LYS A 73 27.32 -34.23 -19.87
C LYS A 73 28.00 -34.31 -18.50
N CYS A 74 27.36 -33.75 -17.48
CA CYS A 74 27.91 -33.80 -16.13
C CYS A 74 27.64 -35.16 -15.50
N SER A 75 26.55 -35.79 -15.92
CA SER A 75 26.17 -37.11 -15.42
C SER A 75 26.81 -38.17 -16.29
N GLU A 76 27.17 -37.76 -17.50
CA GLU A 76 27.82 -38.68 -18.42
C GLU A 76 29.16 -39.08 -17.79
N THR A 77 29.67 -38.29 -16.86
CA THR A 77 30.98 -38.59 -16.28
C THR A 77 31.00 -39.39 -14.99
N ALA A 78 30.00 -39.23 -14.15
CA ALA A 78 29.97 -40.00 -12.92
C ALA A 78 29.11 -41.25 -13.19
N LYS A 79 29.42 -41.99 -14.25
CA LYS A 79 28.63 -43.17 -14.62
C LYS A 79 27.20 -42.61 -14.85
N VAL A 80 26.42 -42.47 -13.77
CA VAL A 80 25.04 -41.92 -13.70
C VAL A 80 24.15 -41.40 -14.87
N CYS A 81 22.86 -41.75 -14.79
CA CYS A 81 21.84 -41.31 -15.76
C CYS A 81 20.69 -40.55 -15.06
N LEU A 82 19.80 -39.90 -15.79
CA LEU A 82 18.70 -39.11 -15.19
C LEU A 82 17.28 -39.71 -15.21
N PRO A 83 16.38 -39.26 -14.30
CA PRO A 83 15.00 -39.76 -14.25
C PRO A 83 14.20 -39.53 -15.54
N LYS A 84 13.24 -40.41 -15.81
CA LYS A 84 12.40 -40.29 -17.01
C LYS A 84 11.69 -38.95 -17.09
N ASN A 85 11.42 -38.36 -15.92
CA ASN A 85 10.73 -37.07 -15.87
C ASN A 85 11.59 -35.94 -15.28
N PHE A 86 12.79 -35.76 -15.83
CA PHE A 86 13.67 -34.70 -15.35
C PHE A 86 13.40 -33.46 -16.21
N SER A 87 13.25 -32.30 -15.55
CA SER A 87 12.98 -31.07 -16.27
C SER A 87 13.57 -29.85 -15.56
N ILE A 88 14.50 -29.17 -16.24
CA ILE A 88 15.13 -27.99 -15.68
C ILE A 88 14.10 -26.87 -15.49
N LYS A 89 13.16 -26.77 -16.42
CA LYS A 89 12.12 -25.74 -16.33
C LYS A 89 11.31 -26.07 -15.09
N GLU A 90 10.97 -27.35 -14.94
CA GLU A 90 10.19 -27.83 -13.82
C GLU A 90 10.87 -27.47 -12.49
N ILE A 91 12.17 -27.70 -12.42
CA ILE A 91 12.93 -27.42 -11.21
C ILE A 91 13.00 -25.92 -10.91
N PHE A 92 13.26 -25.12 -11.94
CA PHE A 92 13.36 -23.68 -11.77
C PHE A 92 12.04 -22.94 -11.57
N ASP A 93 11.01 -23.29 -12.33
CA ASP A 93 9.73 -22.62 -12.15
C ASP A 93 9.34 -22.74 -10.69
N LYS A 94 9.52 -23.94 -10.14
CA LYS A 94 9.19 -24.24 -8.76
C LYS A 94 10.09 -23.44 -7.80
N ALA A 95 11.38 -23.38 -8.14
CA ALA A 95 12.34 -22.66 -7.30
C ALA A 95 12.06 -21.17 -7.24
N ILE A 96 11.87 -20.55 -8.40
CA ILE A 96 11.60 -19.12 -8.47
C ILE A 96 10.34 -18.67 -7.73
N SER A 97 9.23 -19.37 -7.95
CA SER A 97 7.97 -19.02 -7.29
C SER A 97 8.02 -19.30 -5.80
N ALA A 98 8.85 -20.26 -5.41
CA ALA A 98 8.99 -20.62 -4.01
C ALA A 98 9.76 -19.50 -3.31
N ARG A 99 10.66 -18.87 -4.06
CA ARG A 99 11.46 -17.79 -3.50
C ARG A 99 10.53 -16.63 -3.11
N LYS A 100 10.71 -16.14 -1.90
CA LYS A 100 9.92 -15.04 -1.36
C LYS A 100 10.83 -13.98 -0.73
N ILE A 101 10.28 -12.79 -0.55
CA ILE A 101 11.03 -11.69 0.06
C ILE A 101 11.33 -12.04 1.51
N ASN A 102 12.60 -12.01 1.89
CA ASN A 102 12.95 -12.27 3.27
C ASN A 102 12.59 -10.99 3.99
N ARG A 103 11.37 -10.95 4.51
CA ARG A 103 10.86 -9.78 5.21
C ARG A 103 11.81 -9.16 6.24
N PRO A 104 12.42 -9.98 7.11
CA PRO A 104 13.33 -9.38 8.09
C PRO A 104 14.49 -8.60 7.47
N MET A 105 14.99 -9.09 6.34
CA MET A 105 16.08 -8.41 5.66
C MET A 105 15.56 -7.10 5.07
N LEU A 106 14.40 -7.17 4.41
CA LEU A 106 13.80 -5.99 3.81
C LEU A 106 13.60 -4.93 4.88
N GLN A 107 13.15 -5.35 6.06
CA GLN A 107 12.93 -4.42 7.17
C GLN A 107 14.24 -3.75 7.55
N ALA A 108 15.32 -4.53 7.62
CA ALA A 108 16.62 -3.98 7.95
C ALA A 108 16.97 -2.96 6.87
N ALA A 109 16.75 -3.36 5.62
CA ALA A 109 17.04 -2.49 4.48
C ALA A 109 16.27 -1.19 4.63
N LEU A 110 14.96 -1.30 4.79
CA LEU A 110 14.10 -0.13 4.95
C LEU A 110 14.54 0.78 6.10
N MET A 111 14.84 0.19 7.25
CA MET A 111 15.28 0.98 8.39
C MET A 111 16.49 1.83 8.02
N LEU A 112 17.54 1.17 7.55
CA LEU A 112 18.76 1.85 7.14
C LEU A 112 18.46 3.02 6.22
N ARG A 113 17.54 2.81 5.30
CA ARG A 113 17.18 3.86 4.36
C ARG A 113 16.51 4.99 5.13
N LYS A 114 15.66 4.62 6.09
CA LYS A 114 14.96 5.60 6.91
C LYS A 114 15.91 6.45 7.75
N LYS A 115 17.13 5.96 7.97
CA LYS A 115 18.08 6.71 8.76
C LYS A 115 19.27 7.30 7.99
N GLY A 116 19.04 7.62 6.72
CA GLY A 116 20.10 8.23 5.92
C GLY A 116 20.87 7.40 4.91
N PHE A 117 20.84 6.08 5.02
CA PHE A 117 21.58 5.22 4.10
C PHE A 117 21.05 5.18 2.67
N THR A 118 21.97 4.93 1.74
CA THR A 118 21.66 4.79 0.33
C THR A 118 21.67 3.28 0.12
N THR A 119 20.50 2.69 -0.05
CA THR A 119 20.41 1.25 -0.23
C THR A 119 20.35 0.89 -1.70
N ALA A 120 20.74 -0.34 -2.01
CA ALA A 120 20.73 -0.81 -3.39
C ALA A 120 20.81 -2.32 -3.44
N ILE A 121 20.19 -2.90 -4.46
CA ILE A 121 20.21 -4.34 -4.65
C ILE A 121 21.18 -4.62 -5.78
N LEU A 122 22.21 -5.40 -5.49
CA LEU A 122 23.17 -5.79 -6.50
C LEU A 122 22.98 -7.29 -6.67
N THR A 123 22.44 -7.70 -7.81
CA THR A 123 22.17 -9.11 -8.03
C THR A 123 22.54 -9.67 -9.40
N ASN A 124 22.82 -10.96 -9.44
CA ASN A 124 23.12 -11.65 -10.70
C ASN A 124 21.78 -12.26 -11.07
N THR A 125 21.12 -11.69 -12.04
CA THR A 125 19.84 -12.22 -12.45
C THR A 125 19.81 -12.41 -13.95
N TRP A 126 18.68 -12.85 -14.44
CA TRP A 126 18.51 -13.14 -15.84
C TRP A 126 17.28 -12.45 -16.41
N LEU A 127 17.24 -12.35 -17.74
CA LEU A 127 16.09 -11.79 -18.43
C LEU A 127 15.13 -12.97 -18.41
N ASP A 128 14.04 -12.83 -17.66
CA ASP A 128 13.06 -13.90 -17.52
C ASP A 128 11.91 -13.83 -18.51
N ASP A 129 11.92 -14.74 -19.48
CA ASP A 129 10.85 -14.76 -20.48
C ASP A 129 9.99 -16.01 -20.36
N ARG A 130 10.02 -16.65 -19.20
CA ARG A 130 9.21 -17.85 -18.97
C ARG A 130 7.76 -17.40 -19.01
N ALA A 131 6.85 -18.35 -19.19
CA ALA A 131 5.44 -18.01 -19.23
C ALA A 131 5.00 -17.63 -17.83
N GLU A 132 5.83 -17.93 -16.84
CA GLU A 132 5.51 -17.62 -15.45
C GLU A 132 6.34 -16.43 -14.96
N ARG A 133 7.08 -15.82 -15.88
CA ARG A 133 7.92 -14.68 -15.53
C ARG A 133 7.23 -13.67 -14.63
N ASP A 134 5.94 -13.45 -14.85
CA ASP A 134 5.18 -12.51 -14.05
C ASP A 134 5.43 -12.69 -12.55
N GLY A 135 5.75 -13.91 -12.15
CA GLY A 135 6.04 -14.17 -10.75
C GLY A 135 7.20 -13.32 -10.29
N LEU A 136 8.35 -13.52 -10.93
CA LEU A 136 9.54 -12.74 -10.59
C LEU A 136 9.22 -11.25 -10.69
N ALA A 137 8.57 -10.86 -11.77
CA ALA A 137 8.19 -9.47 -12.02
C ALA A 137 7.56 -8.82 -10.79
N GLN A 138 6.48 -9.42 -10.30
CA GLN A 138 5.75 -8.92 -9.14
C GLN A 138 6.66 -8.77 -7.91
N LEU A 139 7.50 -9.77 -7.66
CA LEU A 139 8.40 -9.73 -6.52
C LEU A 139 9.39 -8.58 -6.70
N MET A 140 9.80 -8.36 -7.95
CA MET A 140 10.72 -7.29 -8.25
C MET A 140 9.99 -5.95 -8.14
N CYS A 141 8.72 -5.94 -8.56
CA CYS A 141 7.91 -4.73 -8.49
C CYS A 141 7.89 -4.23 -7.05
N GLU A 142 7.60 -5.12 -6.10
CA GLU A 142 7.53 -4.73 -4.70
C GLU A 142 8.88 -4.29 -4.09
N LEU A 143 9.94 -5.07 -4.31
CA LEU A 143 11.24 -4.72 -3.77
C LEU A 143 11.79 -3.41 -4.30
N LYS A 144 11.85 -3.31 -5.62
CA LYS A 144 12.37 -2.13 -6.33
C LYS A 144 12.11 -0.79 -5.63
N MET A 145 10.83 -0.47 -5.43
CA MET A 145 10.40 0.78 -4.80
C MET A 145 11.03 1.05 -3.44
N HIS A 146 11.58 0.01 -2.81
CA HIS A 146 12.18 0.15 -1.48
C HIS A 146 13.68 0.47 -1.47
N PHE A 147 14.32 0.43 -2.63
CA PHE A 147 15.75 0.71 -2.72
C PHE A 147 16.08 1.82 -3.71
N ASP A 148 17.04 2.66 -3.35
CA ASP A 148 17.44 3.77 -4.21
C ASP A 148 17.92 3.25 -5.56
N PHE A 149 18.56 2.08 -5.54
CA PHE A 149 19.09 1.49 -6.77
C PHE A 149 18.88 -0.01 -6.84
N LEU A 150 18.76 -0.49 -8.07
CA LEU A 150 18.59 -1.89 -8.36
C LEU A 150 19.53 -2.20 -9.50
N ILE A 151 20.69 -2.76 -9.19
CA ILE A 151 21.66 -3.08 -10.21
C ILE A 151 21.54 -4.54 -10.59
N GLU A 152 21.00 -4.77 -11.78
CA GLU A 152 20.82 -6.13 -12.30
C GLU A 152 21.90 -6.48 -13.32
N SER A 153 22.60 -7.57 -13.06
CA SER A 153 23.67 -8.06 -13.92
C SER A 153 23.23 -8.22 -15.37
N CYS A 154 22.12 -8.92 -15.59
CA CYS A 154 21.60 -9.13 -16.94
C CYS A 154 21.26 -7.82 -17.66
N GLN A 155 21.28 -6.72 -16.91
CA GLN A 155 21.00 -5.42 -17.47
C GLN A 155 22.28 -4.62 -17.73
N VAL A 156 23.31 -4.78 -16.90
CA VAL A 156 24.56 -4.06 -17.10
C VAL A 156 25.59 -4.86 -17.89
N GLY A 157 25.29 -6.15 -18.09
CA GLY A 157 26.19 -7.04 -18.78
C GLY A 157 27.43 -7.24 -17.94
N MET A 158 27.32 -7.11 -16.62
CA MET A 158 28.53 -7.23 -15.79
C MET A 158 28.72 -8.31 -14.72
N VAL A 159 27.72 -9.15 -14.45
CA VAL A 159 27.74 -10.20 -13.39
C VAL A 159 28.90 -10.12 -12.37
N LYS A 160 28.71 -10.54 -11.12
CA LYS A 160 29.82 -10.38 -10.14
C LYS A 160 30.19 -11.76 -9.66
N PRO A 161 31.45 -12.02 -9.17
CA PRO A 161 32.87 -11.74 -8.78
C PRO A 161 33.88 -11.00 -9.63
N GLU A 162 33.40 -10.48 -10.73
CA GLU A 162 34.18 -9.72 -11.62
C GLU A 162 34.18 -8.45 -10.80
N PRO A 163 35.35 -7.81 -10.69
CA PRO A 163 35.44 -6.57 -9.91
C PRO A 163 34.81 -5.35 -10.60
N GLN A 164 34.62 -5.46 -11.91
CA GLN A 164 34.04 -4.37 -12.69
C GLN A 164 32.63 -3.99 -12.23
N ILE A 165 31.78 -4.99 -12.01
CA ILE A 165 30.42 -4.72 -11.56
C ILE A 165 30.48 -3.93 -10.24
N TYR A 166 31.51 -4.19 -9.44
CA TYR A 166 31.67 -3.49 -8.17
C TYR A 166 32.02 -2.03 -8.40
N LYS A 167 32.93 -1.76 -9.32
CA LYS A 167 33.30 -0.38 -9.63
C LYS A 167 32.02 0.31 -10.08
N PHE A 168 31.28 -0.37 -10.94
CA PHE A 168 30.02 0.18 -11.43
C PHE A 168 29.15 0.56 -10.24
N LEU A 169 29.04 -0.35 -9.28
CA LEU A 169 28.24 -0.12 -8.08
C LEU A 169 28.73 1.11 -7.35
N LEU A 170 30.02 1.11 -6.98
CA LEU A 170 30.60 2.23 -6.28
C LEU A 170 30.27 3.53 -7.00
N ASP A 171 30.29 3.48 -8.33
CA ASP A 171 30.00 4.65 -9.13
C ASP A 171 28.52 5.01 -9.10
N THR A 172 27.65 4.00 -9.19
CA THR A 172 26.21 4.25 -9.16
C THR A 172 25.84 4.86 -7.81
N LEU A 173 26.56 4.46 -6.77
CA LEU A 173 26.30 4.94 -5.42
C LEU A 173 26.95 6.28 -5.10
N LYS A 174 27.91 6.69 -5.93
CA LYS A 174 28.61 7.94 -5.70
C LYS A 174 29.18 7.88 -4.29
N ALA A 175 29.68 6.72 -3.91
CA ALA A 175 30.25 6.50 -2.59
C ALA A 175 31.53 5.70 -2.69
N SER A 176 32.45 5.92 -1.76
CA SER A 176 33.72 5.20 -1.75
C SER A 176 33.57 3.91 -0.94
N PRO A 177 34.39 2.90 -1.26
CA PRO A 177 34.37 1.60 -0.60
C PRO A 177 34.23 1.69 0.92
N SER A 178 35.08 2.51 1.53
CA SER A 178 35.09 2.68 2.98
C SER A 178 33.73 2.91 3.63
N GLU A 179 32.75 3.39 2.87
CA GLU A 179 31.43 3.63 3.44
C GLU A 179 30.29 2.80 2.83
N VAL A 180 30.60 1.57 2.45
CA VAL A 180 29.60 0.68 1.88
C VAL A 180 29.61 -0.70 2.54
N VAL A 181 28.42 -1.23 2.79
CA VAL A 181 28.27 -2.54 3.41
C VAL A 181 27.71 -3.45 2.32
N PHE A 182 28.26 -4.65 2.19
CA PHE A 182 27.79 -5.58 1.18
C PHE A 182 27.37 -6.93 1.76
N LEU A 183 26.07 -7.21 1.65
CA LEU A 183 25.49 -8.45 2.16
C LEU A 183 25.32 -9.45 1.02
N ASP A 184 25.90 -10.64 1.18
CA ASP A 184 25.78 -11.68 0.17
C ASP A 184 25.97 -13.04 0.83
N ASP A 185 25.30 -14.05 0.29
CA ASP A 185 25.36 -15.42 0.81
C ASP A 185 26.43 -16.24 0.10
N ILE A 186 27.14 -15.58 -0.81
CA ILE A 186 28.18 -16.23 -1.58
C ILE A 186 29.53 -15.60 -1.30
N GLY A 187 30.38 -16.33 -0.58
CA GLY A 187 31.70 -15.81 -0.23
C GLY A 187 32.44 -15.15 -1.36
N ALA A 188 32.60 -15.87 -2.47
CA ALA A 188 33.31 -15.36 -3.64
C ALA A 188 32.92 -13.93 -4.00
N ASN A 189 31.62 -13.67 -4.06
CA ASN A 189 31.14 -12.33 -4.38
C ASN A 189 31.50 -11.30 -3.32
N LEU A 190 32.07 -11.77 -2.20
CA LEU A 190 32.46 -10.87 -1.11
C LEU A 190 33.90 -10.41 -1.27
N LYS A 191 34.74 -11.30 -1.81
CA LYS A 191 36.15 -11.02 -2.02
C LYS A 191 36.37 -9.69 -2.75
N PRO A 192 35.81 -9.53 -3.97
CA PRO A 192 35.98 -8.30 -4.73
C PRO A 192 35.52 -7.08 -3.96
N ALA A 193 34.49 -7.26 -3.14
CA ALA A 193 33.96 -6.16 -2.34
C ALA A 193 34.96 -5.82 -1.26
N ARG A 194 35.42 -6.84 -0.54
CA ARG A 194 36.37 -6.62 0.52
C ARG A 194 37.63 -5.96 -0.06
N ASP A 195 38.11 -6.48 -1.19
CA ASP A 195 39.32 -5.96 -1.82
C ASP A 195 39.32 -4.46 -2.12
N LEU A 196 38.17 -3.91 -2.51
CA LEU A 196 38.11 -2.48 -2.78
C LEU A 196 38.14 -1.74 -1.46
N GLY A 197 38.03 -2.47 -0.35
CA GLY A 197 38.04 -1.84 0.96
C GLY A 197 36.66 -1.49 1.49
N MET A 198 35.71 -2.40 1.36
CA MET A 198 34.37 -2.13 1.88
C MET A 198 33.87 -3.25 2.79
N VAL A 199 33.09 -2.86 3.80
CA VAL A 199 32.54 -3.81 4.75
C VAL A 199 31.69 -4.85 4.04
N THR A 200 31.93 -6.11 4.37
CA THR A 200 31.19 -7.21 3.77
C THR A 200 30.65 -8.10 4.87
N ILE A 201 29.51 -8.71 4.61
CA ILE A 201 28.86 -9.58 5.56
C ILE A 201 28.46 -10.87 4.85
N LEU A 202 29.02 -12.00 5.29
CA LEU A 202 28.68 -13.27 4.68
C LEU A 202 27.36 -13.64 5.31
N VAL A 203 26.29 -13.62 4.52
CA VAL A 203 24.96 -13.91 5.01
C VAL A 203 24.57 -15.38 4.89
N GLN A 204 24.39 -16.03 6.04
CA GLN A 204 23.95 -17.42 6.07
C GLN A 204 22.53 -17.39 6.61
N ASP A 205 22.40 -17.07 7.89
CA ASP A 205 21.08 -16.96 8.51
C ASP A 205 20.82 -15.47 8.71
N THR A 206 19.64 -15.02 8.30
CA THR A 206 19.26 -13.64 8.39
C THR A 206 19.64 -12.94 9.70
N ASP A 207 19.22 -13.50 10.84
CA ASP A 207 19.50 -12.91 12.15
C ASP A 207 20.96 -12.64 12.45
N THR A 208 21.82 -13.58 12.12
CA THR A 208 23.25 -13.39 12.37
C THR A 208 23.78 -12.27 11.49
N ALA A 209 23.39 -12.31 10.22
CA ALA A 209 23.80 -11.29 9.26
C ALA A 209 23.33 -9.92 9.76
N LEU A 210 22.06 -9.85 10.16
CA LEU A 210 21.52 -8.59 10.66
C LEU A 210 22.28 -8.17 11.92
N LYS A 211 22.70 -9.15 12.71
CA LYS A 211 23.45 -8.88 13.92
C LYS A 211 24.74 -8.19 13.51
N GLU A 212 25.42 -8.78 12.54
CA GLU A 212 26.68 -8.21 12.07
C GLU A 212 26.43 -6.85 11.43
N LEU A 213 25.36 -6.74 10.64
CA LEU A 213 25.00 -5.49 9.97
C LEU A 213 24.69 -4.37 10.95
N GLU A 214 24.00 -4.74 12.01
CA GLU A 214 23.57 -3.83 13.06
C GLU A 214 24.81 -3.27 13.72
N LYS A 215 25.71 -4.18 14.11
CA LYS A 215 26.98 -3.81 14.75
C LYS A 215 27.77 -2.83 13.88
N VAL A 216 28.05 -3.26 12.66
CA VAL A 216 28.83 -2.46 11.72
C VAL A 216 28.17 -1.13 11.38
N THR A 217 26.85 -1.04 11.46
CA THR A 217 26.21 0.23 11.14
C THR A 217 25.87 1.03 12.40
N GLY A 218 25.79 0.32 13.53
CA GLY A 218 25.45 0.99 14.77
C GLY A 218 24.02 1.47 14.68
N ILE A 219 23.13 0.57 14.26
CA ILE A 219 21.71 0.90 14.13
C ILE A 219 20.84 -0.31 14.46
N GLN A 220 19.82 -0.09 15.28
CA GLN A 220 18.90 -1.16 15.67
C GLN A 220 18.13 -1.68 14.48
N LEU A 221 18.44 -2.91 14.08
CA LEU A 221 17.78 -3.54 12.94
C LEU A 221 16.99 -4.76 13.39
N LEU A 222 17.59 -5.53 14.29
CA LEU A 222 16.97 -6.74 14.81
C LEU A 222 16.09 -6.44 16.02
N ASN A 223 14.97 -7.15 16.11
CA ASN A 223 14.04 -6.96 17.23
C ASN A 223 13.47 -5.56 17.26
N THR A 224 13.39 -4.94 16.09
CA THR A 224 12.85 -3.59 15.96
C THR A 224 11.33 -3.66 16.05
N PRO A 225 10.68 -2.58 16.53
CA PRO A 225 9.22 -2.54 16.64
C PRO A 225 8.52 -2.83 15.30
N ALA A 226 7.22 -3.15 15.37
CA ALA A 226 6.44 -3.43 14.17
C ALA A 226 6.32 -2.11 13.40
N PRO A 227 6.96 -2.04 12.22
CA PRO A 227 6.96 -0.86 11.35
C PRO A 227 5.62 -0.51 10.74
N LEU A 228 5.48 0.74 10.31
CA LEU A 228 4.25 1.18 9.67
C LEU A 228 4.22 0.68 8.23
N PRO A 229 3.02 0.39 7.70
CA PRO A 229 2.96 -0.09 6.31
C PRO A 229 3.57 0.94 5.36
N THR A 230 3.82 0.54 4.12
CA THR A 230 4.40 1.46 3.14
C THR A 230 3.42 2.60 2.92
N SER A 231 3.93 3.82 3.01
CA SER A 231 3.11 4.99 2.77
C SER A 231 3.55 5.42 1.39
N CYS A 232 2.72 6.15 0.66
CA CYS A 232 3.14 6.54 -0.69
C CYS A 232 3.42 8.03 -0.87
N ASN A 233 4.47 8.31 -1.64
CA ASN A 233 4.89 9.66 -1.93
C ASN A 233 3.98 10.25 -3.03
N PRO A 234 3.21 11.29 -2.71
CA PRO A 234 2.31 11.92 -3.67
C PRO A 234 2.89 12.17 -5.06
N SER A 235 4.17 12.51 -5.14
CA SER A 235 4.80 12.81 -6.42
C SER A 235 5.18 11.58 -7.24
N ASP A 236 5.09 10.39 -6.65
CA ASP A 236 5.43 9.19 -7.40
C ASP A 236 4.16 8.46 -7.83
N MET A 237 3.03 8.94 -7.35
CA MET A 237 1.75 8.32 -7.67
C MET A 237 1.21 8.68 -9.06
N SER A 238 0.41 7.78 -9.62
CA SER A 238 -0.22 8.04 -10.91
C SER A 238 -1.47 8.85 -10.58
N HIS A 239 -1.58 10.05 -11.15
CA HIS A 239 -2.73 10.91 -10.90
C HIS A 239 -3.70 10.90 -12.08
N GLY A 240 -4.98 10.64 -11.80
CA GLY A 240 -5.97 10.58 -12.85
C GLY A 240 -7.04 11.65 -12.72
N TYR A 241 -7.55 12.10 -13.86
CA TYR A 241 -8.58 13.13 -13.88
C TYR A 241 -9.69 12.80 -14.86
N VAL A 242 -10.89 12.60 -14.33
CA VAL A 242 -12.04 12.28 -15.15
C VAL A 242 -13.08 13.38 -15.03
N THR A 243 -13.45 13.98 -16.15
CA THR A 243 -14.47 15.02 -16.16
C THR A 243 -15.79 14.27 -16.17
N VAL A 244 -16.53 14.37 -15.08
CA VAL A 244 -17.80 13.66 -14.96
C VAL A 244 -18.99 14.53 -15.36
N LYS A 245 -18.77 15.84 -15.39
CA LYS A 245 -19.80 16.81 -15.74
C LYS A 245 -19.07 18.08 -16.16
N PRO A 246 -19.74 18.94 -16.93
CA PRO A 246 -19.09 20.18 -17.34
C PRO A 246 -18.55 20.91 -16.12
N ARG A 247 -17.25 21.23 -16.17
CA ARG A 247 -16.56 21.92 -15.08
C ARG A 247 -16.73 21.22 -13.72
N VAL A 248 -16.55 19.91 -13.75
CA VAL A 248 -16.62 19.06 -12.56
C VAL A 248 -15.80 17.82 -12.88
N ARG A 249 -14.52 17.86 -12.54
CA ARG A 249 -13.67 16.73 -12.79
C ARG A 249 -13.11 16.21 -11.48
N LEU A 250 -13.14 14.90 -11.31
CA LEU A 250 -12.64 14.26 -10.11
C LEU A 250 -11.20 13.81 -10.29
N HIS A 251 -10.39 14.04 -9.27
CA HIS A 251 -9.01 13.62 -9.30
C HIS A 251 -8.84 12.38 -8.42
N PHE A 252 -8.00 11.46 -8.85
CA PHE A 252 -7.77 10.25 -8.06
C PHE A 252 -6.36 9.75 -8.27
N VAL A 253 -5.89 8.94 -7.32
CA VAL A 253 -4.57 8.33 -7.39
C VAL A 253 -4.82 6.88 -7.75
N GLU A 254 -4.02 6.33 -8.66
CA GLU A 254 -4.23 4.95 -9.10
C GLU A 254 -2.98 4.09 -8.96
N LEU A 255 -3.13 2.91 -8.37
CA LEU A 255 -2.00 2.01 -8.17
C LEU A 255 -2.41 0.54 -8.15
N GLY A 256 -1.58 -0.30 -8.77
CA GLY A 256 -1.86 -1.73 -8.80
C GLY A 256 -2.84 -2.17 -9.86
N SER A 257 -2.98 -3.48 -10.00
CA SER A 257 -3.89 -4.07 -10.96
C SER A 257 -4.79 -5.08 -10.27
N GLY A 258 -5.89 -5.43 -10.93
CA GLY A 258 -6.81 -6.39 -10.35
C GLY A 258 -8.19 -5.77 -10.27
N PRO A 259 -9.08 -6.31 -9.41
CA PRO A 259 -10.43 -5.75 -9.28
C PRO A 259 -10.28 -4.29 -8.92
N ALA A 260 -11.13 -3.43 -9.48
CA ALA A 260 -11.05 -2.02 -9.18
C ALA A 260 -11.61 -1.73 -7.78
N VAL A 261 -10.79 -1.16 -6.91
CA VAL A 261 -11.22 -0.82 -5.56
C VAL A 261 -11.17 0.68 -5.40
N CYS A 262 -12.34 1.29 -5.32
CA CYS A 262 -12.47 2.75 -5.19
C CYS A 262 -12.52 3.19 -3.72
N LEU A 263 -11.53 3.96 -3.30
CA LEU A 263 -11.47 4.44 -1.92
C LEU A 263 -12.02 5.87 -1.80
N CYS A 264 -12.94 6.06 -0.86
CA CYS A 264 -13.57 7.37 -0.69
C CYS A 264 -13.39 7.98 0.71
N HIS A 265 -12.45 8.93 0.79
CA HIS A 265 -12.15 9.63 2.04
C HIS A 265 -13.34 10.42 2.61
N GLY A 266 -13.23 10.79 3.89
CA GLY A 266 -14.29 11.53 4.54
C GLY A 266 -13.94 12.99 4.71
N PHE A 267 -14.62 13.66 5.64
CA PHE A 267 -14.41 15.07 5.91
C PHE A 267 -13.53 15.30 7.12
N PRO A 268 -12.52 16.17 7.02
CA PRO A 268 -12.15 16.97 5.85
C PRO A 268 -10.79 16.42 5.39
N GLU A 269 -10.83 15.38 4.57
CA GLU A 269 -9.59 14.72 4.16
C GLU A 269 -9.19 14.74 2.70
N SER A 270 -8.49 13.70 2.28
CA SER A 270 -7.99 13.62 0.92
C SER A 270 -7.74 12.18 0.50
N TRP A 271 -7.35 11.98 -0.75
CA TRP A 271 -7.03 10.64 -1.23
C TRP A 271 -5.85 10.20 -0.37
N TYR A 272 -5.12 11.20 0.11
CA TYR A 272 -3.95 11.02 0.94
C TYR A 272 -4.28 10.30 2.25
N SER A 273 -5.54 10.36 2.68
CA SER A 273 -5.93 9.67 3.90
C SER A 273 -5.84 8.16 3.74
N TRP A 274 -5.60 7.69 2.53
CA TRP A 274 -5.48 6.25 2.26
C TRP A 274 -4.02 5.94 1.93
N ARG A 275 -3.14 6.90 2.22
CA ARG A 275 -1.72 6.74 1.94
C ARG A 275 -1.16 5.42 2.48
N TYR A 276 -1.87 4.81 3.43
CA TYR A 276 -1.39 3.55 4.01
C TYR A 276 -1.93 2.29 3.38
N GLN A 277 -3.18 2.32 2.90
CA GLN A 277 -3.75 1.12 2.29
C GLN A 277 -3.56 1.03 0.79
N ILE A 278 -3.27 2.15 0.12
CA ILE A 278 -3.08 2.13 -1.32
C ILE A 278 -1.96 1.16 -1.73
N PRO A 279 -0.78 1.27 -1.09
CA PRO A 279 0.24 0.30 -1.52
C PRO A 279 -0.16 -1.12 -1.13
N ALA A 280 -0.70 -1.29 0.07
CA ALA A 280 -1.13 -2.60 0.54
C ALA A 280 -2.16 -3.24 -0.38
N LEU A 281 -3.33 -2.62 -0.50
CA LEU A 281 -4.39 -3.15 -1.35
C LEU A 281 -3.85 -3.44 -2.75
N ALA A 282 -2.94 -2.60 -3.23
CA ALA A 282 -2.36 -2.83 -4.54
C ALA A 282 -1.54 -4.10 -4.47
N GLN A 283 -0.63 -4.14 -3.51
CA GLN A 283 0.24 -5.30 -3.32
C GLN A 283 -0.62 -6.55 -3.16
N ALA A 284 -1.79 -6.39 -2.55
CA ALA A 284 -2.71 -7.51 -2.31
C ALA A 284 -3.37 -8.00 -3.60
N GLY A 285 -3.15 -7.28 -4.69
CA GLY A 285 -3.72 -7.67 -5.96
C GLY A 285 -4.94 -6.87 -6.37
N TYR A 286 -4.93 -5.58 -6.07
CA TYR A 286 -6.06 -4.75 -6.44
C TYR A 286 -5.67 -3.47 -7.13
N ARG A 287 -6.59 -2.96 -7.95
CA ARG A 287 -6.38 -1.73 -8.67
C ARG A 287 -7.02 -0.67 -7.80
N VAL A 288 -6.19 0.01 -7.01
CA VAL A 288 -6.66 1.03 -6.10
C VAL A 288 -6.91 2.38 -6.76
N LEU A 289 -8.12 2.90 -6.58
CA LEU A 289 -8.49 4.20 -7.11
C LEU A 289 -8.82 5.09 -5.91
N ALA A 290 -7.80 5.66 -5.28
CA ALA A 290 -8.02 6.53 -4.13
C ALA A 290 -8.52 7.88 -4.66
N MET A 291 -9.77 8.19 -4.34
CA MET A 291 -10.40 9.43 -4.79
C MET A 291 -10.07 10.70 -4.03
N ASP A 292 -10.49 11.81 -4.65
CA ASP A 292 -10.39 13.14 -4.10
C ASP A 292 -11.86 13.46 -4.26
N MET A 293 -12.65 13.13 -3.24
CA MET A 293 -14.09 13.35 -3.32
C MET A 293 -14.38 14.79 -3.67
N LYS A 294 -15.42 14.97 -4.49
CA LYS A 294 -15.83 16.29 -4.93
C LYS A 294 -15.74 17.31 -3.80
N GLY A 295 -15.07 18.43 -4.06
CA GLY A 295 -14.93 19.46 -3.05
C GLY A 295 -13.53 19.50 -2.47
N TYR A 296 -12.78 18.41 -2.65
CA TYR A 296 -11.42 18.34 -2.11
C TYR A 296 -10.29 18.27 -3.12
N GLY A 297 -9.13 18.75 -2.67
CA GLY A 297 -7.90 18.74 -3.45
C GLY A 297 -7.95 19.11 -4.91
N GLU A 298 -7.51 18.17 -5.74
CA GLU A 298 -7.45 18.41 -7.16
C GLU A 298 -8.76 18.16 -7.86
N SER A 299 -9.80 17.80 -7.11
CA SER A 299 -11.10 17.59 -7.70
C SER A 299 -11.85 18.91 -7.72
N SER A 300 -12.86 19.02 -8.58
CA SER A 300 -13.63 20.24 -8.67
C SER A 300 -14.39 20.51 -7.39
N ALA A 301 -14.46 21.79 -7.03
CA ALA A 301 -15.16 22.19 -5.83
C ALA A 301 -16.13 23.32 -6.12
N PRO A 302 -17.22 23.02 -6.83
CA PRO A 302 -18.19 24.08 -7.14
C PRO A 302 -18.77 24.62 -5.84
N PRO A 303 -19.06 25.93 -5.79
CA PRO A 303 -19.61 26.64 -4.64
C PRO A 303 -21.00 26.22 -4.14
N GLU A 304 -21.92 25.94 -5.04
CA GLU A 304 -23.28 25.57 -4.66
C GLU A 304 -23.43 24.36 -3.74
N ILE A 305 -24.37 24.45 -2.81
CA ILE A 305 -24.65 23.39 -1.85
C ILE A 305 -25.20 22.12 -2.47
N GLU A 306 -26.24 22.26 -3.28
CA GLU A 306 -26.90 21.13 -3.94
C GLU A 306 -25.92 20.23 -4.69
N GLU A 307 -24.82 20.81 -5.15
CA GLU A 307 -23.81 20.06 -5.89
C GLU A 307 -23.22 18.96 -5.02
N TYR A 308 -23.54 18.99 -3.73
CA TYR A 308 -23.01 18.00 -2.80
C TYR A 308 -24.06 17.13 -2.10
N CYS A 309 -25.27 17.11 -2.63
CA CYS A 309 -26.27 16.24 -2.01
C CYS A 309 -25.85 14.83 -2.44
N MET A 310 -26.09 13.84 -1.58
CA MET A 310 -25.70 12.46 -1.85
C MET A 310 -26.09 11.96 -3.24
N GLU A 311 -27.29 12.32 -3.70
CA GLU A 311 -27.75 11.86 -5.00
C GLU A 311 -26.83 12.35 -6.13
N VAL A 312 -26.51 13.64 -6.13
CA VAL A 312 -25.63 14.19 -7.15
C VAL A 312 -24.22 13.62 -7.03
N LEU A 313 -23.78 13.42 -5.80
CA LEU A 313 -22.46 12.87 -5.53
C LEU A 313 -22.35 11.44 -6.07
N CYS A 314 -23.37 10.65 -5.82
CA CYS A 314 -23.38 9.26 -6.29
C CYS A 314 -23.47 9.17 -7.80
N LYS A 315 -24.38 9.92 -8.42
CA LYS A 315 -24.50 9.90 -9.86
C LYS A 315 -23.13 10.14 -10.48
N GLU A 316 -22.43 11.16 -9.99
CA GLU A 316 -21.11 11.50 -10.50
C GLU A 316 -20.15 10.33 -10.38
N MET A 317 -20.18 9.62 -9.26
CA MET A 317 -19.31 8.47 -9.05
C MET A 317 -19.62 7.40 -10.08
N VAL A 318 -20.89 7.28 -10.42
CA VAL A 318 -21.31 6.30 -11.42
C VAL A 318 -20.74 6.73 -12.76
N THR A 319 -20.86 8.01 -13.07
CA THR A 319 -20.33 8.54 -14.30
C THR A 319 -18.82 8.33 -14.34
N PHE A 320 -18.19 8.45 -13.17
CA PHE A 320 -16.74 8.28 -13.05
C PHE A 320 -16.37 6.89 -13.54
N LEU A 321 -17.16 5.90 -13.11
CA LEU A 321 -16.95 4.52 -13.52
C LEU A 321 -17.19 4.44 -15.02
N ASP A 322 -18.32 5.01 -15.46
CA ASP A 322 -18.68 5.02 -16.87
C ASP A 322 -17.52 5.53 -17.72
N LYS A 323 -17.00 6.70 -17.37
CA LYS A 323 -15.92 7.30 -18.13
C LYS A 323 -14.64 6.47 -18.13
N LEU A 324 -14.35 5.82 -17.00
CA LEU A 324 -13.16 5.01 -16.87
C LEU A 324 -13.32 3.64 -17.51
N GLY A 325 -14.51 3.38 -18.04
CA GLY A 325 -14.78 2.09 -18.67
C GLY A 325 -14.86 0.95 -17.66
N LEU A 326 -15.29 1.27 -16.43
CA LEU A 326 -15.42 0.29 -15.36
C LEU A 326 -16.90 -0.04 -15.13
N SER A 327 -17.27 -1.32 -15.22
CA SER A 327 -18.67 -1.67 -14.99
C SER A 327 -18.93 -1.79 -13.50
N GLN A 328 -17.89 -2.12 -12.75
CA GLN A 328 -18.01 -2.24 -11.30
C GLN A 328 -16.74 -1.78 -10.61
N ALA A 329 -16.83 -1.63 -9.31
CA ALA A 329 -15.71 -1.25 -8.48
C ALA A 329 -16.12 -1.55 -7.05
N VAL A 330 -15.17 -1.99 -6.25
CA VAL A 330 -15.45 -2.25 -4.86
C VAL A 330 -15.39 -0.86 -4.23
N PHE A 331 -16.45 -0.46 -3.56
CA PHE A 331 -16.46 0.84 -2.93
C PHE A 331 -16.17 0.76 -1.44
N ILE A 332 -15.09 1.39 -1.03
CA ILE A 332 -14.70 1.40 0.37
C ILE A 332 -14.65 2.87 0.79
N GLY A 333 -15.52 3.23 1.71
CA GLY A 333 -15.57 4.59 2.17
C GLY A 333 -15.34 4.76 3.66
N HIS A 334 -14.94 5.97 4.03
CA HIS A 334 -14.69 6.31 5.42
C HIS A 334 -15.37 7.63 5.72
N ASP A 335 -15.98 7.72 6.88
CA ASP A 335 -16.69 8.93 7.29
C ASP A 335 -17.75 9.27 6.25
N TRP A 336 -17.77 10.50 5.76
CA TRP A 336 -18.75 10.87 4.75
C TRP A 336 -18.63 9.95 3.55
N GLY A 337 -17.40 9.51 3.27
CA GLY A 337 -17.17 8.61 2.17
C GLY A 337 -17.91 7.31 2.46
N GLY A 338 -17.86 6.87 3.72
CA GLY A 338 -18.53 5.66 4.12
C GLY A 338 -20.01 5.76 3.79
N MET A 339 -20.60 6.90 4.14
CA MET A 339 -22.01 7.15 3.88
C MET A 339 -22.30 7.02 2.39
N LEU A 340 -21.44 7.64 1.59
CA LEU A 340 -21.56 7.63 0.13
C LEU A 340 -21.61 6.22 -0.44
N VAL A 341 -20.69 5.34 -0.02
CA VAL A 341 -20.69 3.99 -0.55
C VAL A 341 -21.94 3.20 -0.16
N TRP A 342 -22.46 3.43 1.04
CA TRP A 342 -23.65 2.71 1.45
C TRP A 342 -24.78 3.01 0.47
N TYR A 343 -24.91 4.27 0.07
CA TYR A 343 -25.97 4.64 -0.87
C TYR A 343 -25.64 4.25 -2.30
N MET A 344 -24.36 3.96 -2.56
CA MET A 344 -23.94 3.51 -3.88
C MET A 344 -24.47 2.10 -4.02
N ALA A 345 -24.39 1.34 -2.93
CA ALA A 345 -24.87 -0.02 -2.92
C ALA A 345 -26.40 -0.07 -2.95
N LEU A 346 -27.05 0.96 -2.43
CA LEU A 346 -28.51 1.03 -2.38
C LEU A 346 -29.17 1.55 -3.65
N PHE A 347 -28.43 2.31 -4.46
CA PHE A 347 -28.99 2.86 -5.68
C PHE A 347 -28.30 2.40 -6.95
N TYR A 348 -27.11 1.81 -6.81
CA TYR A 348 -26.37 1.31 -7.96
C TYR A 348 -25.64 -0.01 -7.66
N PRO A 349 -26.37 -1.00 -7.13
CA PRO A 349 -25.77 -2.30 -6.80
C PRO A 349 -25.01 -2.89 -7.99
N GLU A 350 -25.57 -2.67 -9.18
CA GLU A 350 -24.99 -3.18 -10.42
C GLU A 350 -23.54 -2.72 -10.61
N ARG A 351 -23.20 -1.59 -10.02
CA ARG A 351 -21.88 -1.01 -10.16
C ARG A 351 -20.96 -1.28 -9.00
N VAL A 352 -21.52 -1.77 -7.91
CA VAL A 352 -20.71 -2.03 -6.75
C VAL A 352 -20.42 -3.53 -6.59
N ARG A 353 -19.17 -3.90 -6.85
CA ARG A 353 -18.75 -5.30 -6.73
C ARG A 353 -18.83 -5.68 -5.26
N ALA A 354 -18.48 -4.74 -4.41
CA ALA A 354 -18.52 -4.94 -2.96
C ALA A 354 -18.45 -3.58 -2.32
N VAL A 355 -19.05 -3.45 -1.16
CA VAL A 355 -19.03 -2.18 -0.44
C VAL A 355 -18.53 -2.41 0.98
N ALA A 356 -17.73 -1.46 1.46
CA ALA A 356 -17.19 -1.55 2.81
C ALA A 356 -17.06 -0.15 3.39
N SER A 357 -17.47 0.01 4.64
CA SER A 357 -17.38 1.29 5.32
C SER A 357 -16.59 1.20 6.61
N LEU A 358 -15.90 2.30 6.93
CA LEU A 358 -15.11 2.40 8.15
C LEU A 358 -15.78 3.46 9.00
N ASN A 359 -16.09 3.12 10.24
CA ASN A 359 -16.73 4.03 11.20
C ASN A 359 -18.18 4.39 10.90
N THR A 360 -18.47 4.73 9.65
CA THR A 360 -19.81 5.12 9.25
C THR A 360 -20.74 3.93 9.05
N PRO A 361 -21.77 3.84 9.88
CA PRO A 361 -22.73 2.73 9.77
C PRO A 361 -23.86 3.08 8.81
N PHE A 362 -24.57 2.06 8.32
CA PHE A 362 -25.71 2.33 7.46
C PHE A 362 -26.93 2.39 8.35
N ILE A 363 -27.58 3.54 8.37
CA ILE A 363 -28.78 3.72 9.16
C ILE A 363 -29.83 4.34 8.26
N PRO A 364 -30.89 3.59 7.95
CA PRO A 364 -31.99 4.04 7.09
C PRO A 364 -32.58 5.33 7.60
N ALA A 365 -33.16 6.11 6.69
CA ALA A 365 -33.76 7.37 7.06
C ALA A 365 -35.05 7.14 7.83
N ASN A 366 -35.29 7.97 8.85
CA ASN A 366 -36.52 7.86 9.61
C ASN A 366 -37.56 8.59 8.76
N PRO A 367 -38.52 7.85 8.19
CA PRO A 367 -39.54 8.45 7.35
C PRO A 367 -40.37 9.51 8.07
N ASN A 368 -40.36 9.47 9.39
CA ASN A 368 -41.13 10.41 10.18
C ASN A 368 -40.37 11.66 10.59
N MET A 369 -39.33 11.48 11.41
CA MET A 369 -38.52 12.59 11.88
C MET A 369 -37.56 13.14 10.82
N SER A 370 -37.46 14.47 10.75
CA SER A 370 -36.58 15.11 9.78
C SER A 370 -35.14 14.98 10.31
N PRO A 371 -34.15 15.00 9.41
CA PRO A 371 -32.75 14.87 9.84
C PRO A 371 -32.37 15.90 10.90
N LEU A 372 -32.62 17.17 10.61
CA LEU A 372 -32.32 18.27 11.52
C LEU A 372 -32.71 17.98 12.96
N GLU A 373 -33.94 17.49 13.15
CA GLU A 373 -34.44 17.16 14.47
C GLU A 373 -33.62 16.02 15.08
N SER A 374 -33.49 14.93 14.34
CA SER A 374 -32.73 13.77 14.78
C SER A 374 -31.38 14.17 15.33
N ILE A 375 -30.62 14.91 14.54
CA ILE A 375 -29.29 15.35 14.94
C ILE A 375 -29.30 16.29 16.15
N LYS A 376 -30.35 17.09 16.30
CA LYS A 376 -30.45 17.98 17.45
C LYS A 376 -30.60 17.13 18.71
N ALA A 377 -31.04 15.88 18.51
CA ALA A 377 -31.25 14.95 19.60
C ALA A 377 -30.01 14.12 19.96
N ASN A 378 -28.83 14.60 19.55
CA ASN A 378 -27.60 13.88 19.85
C ASN A 378 -26.47 14.88 20.13
N PRO A 379 -26.17 15.11 21.42
CA PRO A 379 -25.13 16.02 21.87
C PRO A 379 -23.86 16.04 21.02
N VAL A 380 -23.26 14.87 20.81
CA VAL A 380 -22.01 14.75 20.04
C VAL A 380 -22.12 15.25 18.60
N PHE A 381 -23.34 15.31 18.08
CA PHE A 381 -23.56 15.78 16.71
C PHE A 381 -23.85 17.27 16.65
N ASP A 382 -23.47 18.01 17.68
CA ASP A 382 -23.73 19.44 17.70
C ASP A 382 -23.07 20.18 16.54
N TYR A 383 -21.77 20.04 16.40
CA TYR A 383 -21.03 20.71 15.34
C TYR A 383 -21.72 20.70 13.97
N GLN A 384 -22.46 19.64 13.65
CA GLN A 384 -23.14 19.54 12.36
C GLN A 384 -24.11 20.69 12.16
N LEU A 385 -24.69 21.17 13.26
CA LEU A 385 -25.61 22.28 13.20
C LEU A 385 -24.76 23.53 12.94
N TYR A 386 -23.58 23.55 13.54
CA TYR A 386 -22.64 24.65 13.41
C TYR A 386 -22.13 24.78 11.97
N PHE A 387 -22.09 23.66 11.25
CA PHE A 387 -21.64 23.67 9.86
C PHE A 387 -22.72 24.09 8.88
N GLN A 388 -23.95 24.23 9.37
CA GLN A 388 -25.07 24.61 8.50
C GLN A 388 -24.97 25.98 7.85
N GLU A 389 -24.72 27.01 8.64
CA GLU A 389 -24.64 28.38 8.14
C GLU A 389 -23.43 28.61 7.22
N PRO A 390 -23.68 28.78 5.91
CA PRO A 390 -22.58 29.00 4.98
C PRO A 390 -21.65 30.14 5.43
N GLY A 391 -20.35 29.90 5.33
CA GLY A 391 -19.38 30.92 5.72
C GLY A 391 -18.84 30.74 7.12
N VAL A 392 -19.73 30.55 8.09
CA VAL A 392 -19.32 30.38 9.48
C VAL A 392 -18.17 29.39 9.65
N ALA A 393 -18.46 28.11 9.50
CA ALA A 393 -17.43 27.09 9.66
C ALA A 393 -16.25 27.34 8.73
N GLU A 394 -16.54 27.82 7.51
CA GLU A 394 -15.48 28.10 6.55
C GLU A 394 -14.41 29.00 7.12
N ALA A 395 -14.86 30.11 7.68
CA ALA A 395 -13.96 31.10 8.26
C ALA A 395 -13.02 30.54 9.33
N GLU A 396 -13.57 29.81 10.30
CA GLU A 396 -12.74 29.26 11.37
C GLU A 396 -11.79 28.17 10.91
N LEU A 397 -12.31 27.18 10.18
CA LEU A 397 -11.48 26.09 9.68
C LEU A 397 -10.39 26.58 8.73
N GLU A 398 -10.64 27.71 8.09
CA GLU A 398 -9.69 28.30 7.16
C GLU A 398 -8.71 29.32 7.78
N GLN A 399 -9.08 29.92 8.90
CA GLN A 399 -8.21 30.90 9.55
C GLN A 399 -6.77 30.40 9.59
N ASN A 400 -6.59 29.22 10.17
CA ASN A 400 -5.27 28.60 10.28
C ASN A 400 -5.40 27.14 9.83
N LEU A 401 -5.06 26.87 8.57
CA LEU A 401 -5.18 25.50 8.07
C LEU A 401 -4.33 24.53 8.87
N SER A 402 -3.07 24.87 9.06
CA SER A 402 -2.18 24.01 9.83
C SER A 402 -2.78 23.66 11.18
N ARG A 403 -3.29 24.69 11.87
CA ARG A 403 -3.90 24.51 13.17
C ARG A 403 -5.10 23.58 13.09
N THR A 404 -5.96 23.83 12.11
CA THR A 404 -7.15 23.03 11.91
C THR A 404 -6.86 21.53 11.83
N PHE A 405 -5.91 21.16 10.96
CA PHE A 405 -5.58 19.75 10.79
C PHE A 405 -4.83 19.14 11.95
N LYS A 406 -3.95 19.92 12.57
CA LYS A 406 -3.22 19.42 13.72
C LYS A 406 -4.23 19.23 14.86
N SER A 407 -5.25 20.09 14.87
CA SER A 407 -6.31 20.03 15.88
C SER A 407 -7.31 18.89 15.65
N LEU A 408 -7.51 18.53 14.39
CA LEU A 408 -8.44 17.46 14.04
C LEU A 408 -7.79 16.09 14.08
N PHE A 409 -6.74 15.90 13.28
CA PHE A 409 -6.06 14.61 13.21
C PHE A 409 -5.31 14.23 14.47
N ARG A 410 -6.03 13.59 15.39
CA ARG A 410 -5.47 13.15 16.65
C ARG A 410 -6.05 11.79 17.04
N ALA A 411 -5.26 11.01 17.78
CA ALA A 411 -5.69 9.69 18.23
C ALA A 411 -6.65 9.85 19.40
N SER A 412 -7.33 8.77 19.76
CA SER A 412 -8.29 8.79 20.87
C SER A 412 -7.78 9.56 22.08
N ASP A 413 -6.56 9.27 22.51
CA ASP A 413 -5.96 9.92 23.66
C ASP A 413 -5.06 11.10 23.27
N GLU A 414 -5.63 12.10 22.62
CA GLU A 414 -4.88 13.28 22.20
C GLU A 414 -5.80 14.46 21.98
N SER A 415 -7.11 14.17 21.98
CA SER A 415 -8.13 15.18 21.77
C SER A 415 -7.77 16.55 22.33
N VAL A 416 -8.12 17.61 21.60
CA VAL A 416 -7.87 18.97 22.03
C VAL A 416 -9.14 19.79 21.75
N LEU A 417 -10.18 19.08 21.33
CA LEU A 417 -11.46 19.69 21.01
C LEU A 417 -12.59 19.06 21.84
N SER A 418 -13.81 19.22 21.34
CA SER A 418 -15.01 18.69 21.97
C SER A 418 -16.19 18.95 21.04
N MET A 419 -16.49 17.98 20.19
CA MET A 419 -17.58 18.10 19.21
C MET A 419 -18.93 18.40 19.85
N HIS A 420 -19.02 18.30 21.18
CA HIS A 420 -20.26 18.59 21.87
C HIS A 420 -20.18 19.99 22.45
N LYS A 421 -21.12 20.85 22.06
CA LYS A 421 -21.16 22.24 22.51
C LYS A 421 -20.20 23.15 21.78
N VAL A 422 -20.54 23.38 20.53
CA VAL A 422 -19.78 24.24 19.66
C VAL A 422 -20.62 25.46 19.31
N CYS A 423 -21.93 25.24 19.17
CA CYS A 423 -22.87 26.32 18.87
C CYS A 423 -22.78 27.27 20.07
N GLU A 424 -22.68 26.69 21.26
CA GLU A 424 -22.53 27.46 22.49
C GLU A 424 -21.16 28.15 22.56
N ALA A 425 -20.09 27.38 22.43
CA ALA A 425 -18.73 27.92 22.48
C ALA A 425 -18.52 29.02 21.44
N GLY A 426 -19.22 28.88 20.32
CA GLY A 426 -19.11 29.86 19.25
C GLY A 426 -18.23 29.39 18.12
N GLY A 427 -17.53 28.28 18.33
CA GLY A 427 -16.66 27.75 17.29
C GLY A 427 -16.07 26.40 17.66
N LEU A 428 -15.38 25.78 16.71
CA LEU A 428 -14.76 24.48 16.94
C LEU A 428 -13.49 24.56 17.76
N PHE A 429 -12.75 25.65 17.60
CA PHE A 429 -11.48 25.80 18.32
C PHE A 429 -11.53 26.86 19.41
N VAL A 430 -12.72 27.34 19.76
CA VAL A 430 -12.88 28.36 20.79
C VAL A 430 -11.92 28.19 21.97
N ASN A 431 -11.82 26.96 22.47
CA ASN A 431 -10.92 26.69 23.59
C ASN A 431 -9.93 25.58 23.24
N SER A 432 -9.27 25.78 22.11
CA SER A 432 -8.26 24.86 21.60
C SER A 432 -6.98 25.68 21.49
N PRO A 433 -5.82 25.05 21.73
CA PRO A 433 -4.54 25.76 21.65
C PRO A 433 -4.30 26.39 20.28
N GLU A 434 -3.59 27.51 20.24
CA GLU A 434 -3.30 28.16 18.98
C GLU A 434 -2.29 27.30 18.24
N GLU A 435 -1.35 26.74 18.99
CA GLU A 435 -0.33 25.87 18.42
C GLU A 435 -0.54 24.47 18.98
N PRO A 436 -1.38 23.66 18.32
CA PRO A 436 -1.65 22.29 18.77
C PRO A 436 -0.41 21.44 18.69
N SER A 437 -0.25 20.51 19.64
CA SER A 437 0.94 19.66 19.60
C SER A 437 0.90 18.82 18.33
N LEU A 438 1.95 18.04 18.12
CA LEU A 438 2.06 17.17 16.94
C LEU A 438 1.56 15.78 17.27
N SER A 439 0.45 15.38 16.66
CA SER A 439 -0.09 14.04 16.88
C SER A 439 0.89 12.91 16.53
N ARG A 440 0.73 11.77 17.19
CA ARG A 440 1.58 10.60 16.94
C ARG A 440 1.24 9.99 15.58
N MET A 441 0.05 10.31 15.07
CA MET A 441 -0.40 9.78 13.80
C MET A 441 0.14 10.50 12.57
N VAL A 442 0.39 11.80 12.70
CA VAL A 442 0.85 12.55 11.55
C VAL A 442 2.17 13.30 11.72
N THR A 443 2.98 13.29 10.66
CA THR A 443 4.26 13.99 10.64
C THR A 443 3.97 15.42 10.22
N GLU A 444 4.88 16.33 10.53
CA GLU A 444 4.69 17.73 10.16
C GLU A 444 4.50 17.81 8.66
N GLU A 445 5.24 16.99 7.91
CA GLU A 445 5.17 16.98 6.45
C GLU A 445 3.78 16.60 5.94
N GLU A 446 3.23 15.54 6.49
CA GLU A 446 1.91 15.08 6.09
C GLU A 446 0.84 16.14 6.35
N ILE A 447 0.79 16.70 7.55
CA ILE A 447 -0.20 17.73 7.86
C ILE A 447 -0.08 18.80 6.78
N GLN A 448 1.15 19.16 6.46
CA GLN A 448 1.41 20.18 5.44
C GLN A 448 0.85 19.80 4.09
N PHE A 449 0.70 18.51 3.82
CA PHE A 449 0.15 18.07 2.54
C PHE A 449 -1.32 18.44 2.50
N TYR A 450 -2.03 18.14 3.59
CA TYR A 450 -3.44 18.48 3.67
C TYR A 450 -3.59 19.99 3.57
N VAL A 451 -2.73 20.71 4.28
CA VAL A 451 -2.77 22.17 4.26
C VAL A 451 -2.65 22.68 2.83
N GLN A 452 -1.67 22.19 2.09
CA GLN A 452 -1.48 22.62 0.71
C GLN A 452 -2.65 22.18 -0.18
N GLN A 453 -3.28 21.06 0.16
CA GLN A 453 -4.41 20.58 -0.62
C GLN A 453 -5.59 21.52 -0.47
N PHE A 454 -5.92 21.82 0.78
CA PHE A 454 -7.06 22.69 1.04
C PHE A 454 -6.85 24.15 0.66
N LYS A 455 -5.62 24.52 0.35
CA LYS A 455 -5.33 25.89 -0.05
C LYS A 455 -5.91 26.15 -1.43
N LYS A 456 -6.40 25.09 -2.05
CA LYS A 456 -6.99 25.22 -3.37
C LYS A 456 -8.46 25.60 -3.25
N SER A 457 -9.31 24.65 -2.85
CA SER A 457 -10.75 24.91 -2.77
C SER A 457 -11.32 25.30 -1.40
N GLY A 458 -10.52 25.17 -0.33
CA GLY A 458 -11.02 25.53 0.98
C GLY A 458 -12.04 24.54 1.55
N PHE A 459 -12.83 25.00 2.51
CA PHE A 459 -13.82 24.17 3.17
C PHE A 459 -15.25 24.36 2.74
N ARG A 460 -15.49 25.15 1.70
CA ARG A 460 -16.86 25.35 1.27
C ARG A 460 -17.42 24.05 0.72
N GLY A 461 -16.75 23.51 -0.30
CA GLY A 461 -17.20 22.27 -0.92
C GLY A 461 -17.36 21.17 0.11
N PRO A 462 -16.32 20.93 0.93
CA PRO A 462 -16.35 19.89 1.96
C PRO A 462 -17.51 20.10 2.92
N LEU A 463 -17.63 21.32 3.45
CA LEU A 463 -18.69 21.64 4.40
C LEU A 463 -20.08 21.43 3.82
N ASN A 464 -20.23 21.64 2.51
CA ASN A 464 -21.54 21.46 1.89
C ASN A 464 -22.07 20.04 2.00
N TRP A 465 -21.18 19.05 2.18
CA TRP A 465 -21.62 17.66 2.32
C TRP A 465 -22.57 17.56 3.52
N TYR A 466 -22.43 18.53 4.43
CA TYR A 466 -23.23 18.62 5.65
C TYR A 466 -24.46 19.50 5.47
N ARG A 467 -24.66 20.04 4.27
CA ARG A 467 -25.76 20.95 4.01
C ARG A 467 -26.86 20.46 3.08
N ASN A 468 -27.08 19.16 3.04
CA ASN A 468 -28.10 18.60 2.18
C ASN A 468 -28.88 17.50 2.88
N MET A 469 -28.90 17.55 4.21
CA MET A 469 -29.61 16.55 4.99
C MET A 469 -31.07 16.40 4.57
N GLU A 470 -31.76 17.51 4.38
CA GLU A 470 -33.16 17.46 3.96
C GLU A 470 -33.26 16.71 2.63
N ARG A 471 -32.39 17.07 1.70
CA ARG A 471 -32.38 16.43 0.38
C ARG A 471 -31.98 14.96 0.46
N ASN A 472 -30.89 14.67 1.17
CA ASN A 472 -30.41 13.30 1.32
C ASN A 472 -31.50 12.47 1.96
N TRP A 473 -32.14 13.05 2.97
CA TRP A 473 -33.23 12.40 3.69
C TRP A 473 -34.30 11.93 2.71
N LYS A 474 -34.84 12.85 1.92
CA LYS A 474 -35.87 12.52 0.96
C LYS A 474 -35.40 11.44 -0.01
N TRP A 475 -34.19 11.61 -0.54
CA TRP A 475 -33.63 10.65 -1.47
C TRP A 475 -33.58 9.27 -0.82
N ALA A 476 -32.98 9.21 0.36
CA ALA A 476 -32.83 7.95 1.09
C ALA A 476 -34.16 7.26 1.39
N CYS A 477 -35.23 8.03 1.59
CA CYS A 477 -36.52 7.45 1.90
C CYS A 477 -37.03 6.56 0.78
N LYS A 478 -36.52 6.77 -0.43
CA LYS A 478 -36.91 5.97 -1.58
C LYS A 478 -36.31 4.57 -1.47
N SER A 479 -35.24 4.45 -0.68
CA SER A 479 -34.54 3.18 -0.52
C SER A 479 -34.98 2.40 0.71
N LEU A 480 -36.00 2.88 1.41
CA LEU A 480 -36.44 2.22 2.63
C LEU A 480 -37.00 0.81 2.47
N GLY A 481 -37.38 0.45 1.25
CA GLY A 481 -37.91 -0.88 1.01
C GLY A 481 -36.86 -1.84 0.50
N ARG A 482 -35.65 -1.35 0.28
CA ARG A 482 -34.55 -2.16 -0.24
C ARG A 482 -33.70 -2.81 0.84
N LYS A 483 -32.68 -3.52 0.39
CA LYS A 483 -31.75 -4.20 1.30
C LYS A 483 -30.43 -4.40 0.58
N ILE A 484 -29.34 -4.15 1.29
CA ILE A 484 -28.02 -4.33 0.72
C ILE A 484 -27.75 -5.83 0.79
N LEU A 485 -27.78 -6.45 -0.39
CA LEU A 485 -27.58 -7.89 -0.48
C LEU A 485 -26.30 -8.26 -1.22
N ILE A 486 -25.53 -7.25 -1.60
CA ILE A 486 -24.25 -7.50 -2.27
C ILE A 486 -23.24 -7.58 -1.13
N PRO A 487 -22.03 -8.08 -1.40
CA PRO A 487 -21.03 -8.20 -0.32
C PRO A 487 -20.78 -6.86 0.37
N ALA A 488 -21.00 -6.83 1.68
CA ALA A 488 -20.79 -5.61 2.46
C ALA A 488 -20.01 -5.90 3.74
N LEU A 489 -19.13 -4.97 4.10
CA LEU A 489 -18.30 -5.11 5.29
C LEU A 489 -18.24 -3.79 6.06
N MET A 490 -18.71 -3.83 7.29
CA MET A 490 -18.71 -2.66 8.16
C MET A 490 -17.55 -2.82 9.14
N VAL A 491 -16.77 -1.76 9.33
CA VAL A 491 -15.64 -1.82 10.24
C VAL A 491 -15.79 -0.73 11.28
N THR A 492 -15.97 -1.12 12.53
CA THR A 492 -16.16 -0.16 13.62
C THR A 492 -14.86 0.20 14.32
N ALA A 493 -14.84 1.40 14.90
CA ALA A 493 -13.67 1.89 15.63
C ALA A 493 -14.06 2.16 17.08
N GLU A 494 -13.46 1.42 18.00
CA GLU A 494 -13.75 1.55 19.41
C GLU A 494 -13.71 3.00 19.91
N LYS A 495 -12.54 3.62 19.84
CA LYS A 495 -12.36 4.98 20.32
C LYS A 495 -12.90 6.12 19.46
N ASP A 496 -13.81 5.82 18.54
CA ASP A 496 -14.41 6.88 17.74
C ASP A 496 -15.60 7.33 18.56
N PHE A 497 -15.59 8.57 19.04
CA PHE A 497 -16.65 9.07 19.88
C PHE A 497 -17.77 9.84 19.19
N VAL A 498 -17.73 9.90 17.87
CA VAL A 498 -18.77 10.57 17.12
C VAL A 498 -19.50 9.49 16.30
N LEU A 499 -18.73 8.66 15.60
CA LEU A 499 -19.30 7.54 14.84
C LEU A 499 -19.03 6.28 15.67
N VAL A 500 -19.72 6.20 16.81
CA VAL A 500 -19.57 5.09 17.74
C VAL A 500 -20.01 3.73 17.22
N PRO A 501 -19.26 2.67 17.57
CA PRO A 501 -19.54 1.30 17.15
C PRO A 501 -20.99 0.89 17.39
N GLN A 502 -21.57 1.38 18.48
CA GLN A 502 -22.95 1.07 18.84
C GLN A 502 -23.98 1.48 17.77
N MET A 503 -23.68 2.54 17.03
CA MET A 503 -24.60 3.02 16.00
C MET A 503 -24.79 2.03 14.85
N SER A 504 -23.97 0.99 14.80
CA SER A 504 -24.07 0.01 13.73
C SER A 504 -24.75 -1.31 14.12
N GLN A 505 -25.10 -1.44 15.40
CA GLN A 505 -25.71 -2.66 15.90
C GLN A 505 -26.88 -3.27 15.14
N HIS A 506 -27.78 -2.44 14.61
CA HIS A 506 -28.92 -2.97 13.87
C HIS A 506 -28.72 -3.08 12.38
N MET A 507 -27.48 -2.92 11.93
CA MET A 507 -27.22 -2.99 10.49
C MET A 507 -27.57 -4.32 9.80
N GLU A 508 -27.43 -5.44 10.51
CA GLU A 508 -27.75 -6.74 9.90
C GLU A 508 -29.19 -6.79 9.39
N ASP A 509 -30.05 -5.93 9.92
CA ASP A 509 -31.44 -5.91 9.52
C ASP A 509 -31.63 -5.51 8.05
N TRP A 510 -30.78 -4.63 7.55
CA TRP A 510 -30.87 -4.17 6.17
C TRP A 510 -29.76 -4.79 5.34
N ILE A 511 -28.77 -5.36 6.02
CA ILE A 511 -27.63 -5.99 5.37
C ILE A 511 -27.41 -7.35 6.04
N PRO A 512 -28.31 -8.31 5.79
CA PRO A 512 -28.30 -9.67 6.33
C PRO A 512 -26.96 -10.39 6.34
N HIS A 513 -26.26 -10.38 5.23
CA HIS A 513 -24.98 -11.08 5.12
C HIS A 513 -23.78 -10.23 5.53
N LEU A 514 -24.06 -9.04 6.05
CA LEU A 514 -23.03 -8.12 6.48
C LEU A 514 -21.89 -8.73 7.29
N LYS A 515 -20.67 -8.46 6.89
CA LYS A 515 -19.51 -8.95 7.61
C LYS A 515 -19.00 -7.77 8.42
N ARG A 516 -18.26 -8.05 9.48
CA ARG A 516 -17.76 -6.96 10.31
C ARG A 516 -16.29 -6.97 10.63
N GLY A 517 -15.86 -5.89 11.26
CA GLY A 517 -14.48 -5.74 11.66
C GLY A 517 -14.50 -4.72 12.76
N HIS A 518 -13.56 -4.84 13.70
CA HIS A 518 -13.50 -3.89 14.80
C HIS A 518 -12.05 -3.62 15.14
N ILE A 519 -11.75 -2.37 15.44
CA ILE A 519 -10.39 -1.99 15.79
C ILE A 519 -10.36 -1.30 17.15
N GLU A 520 -9.59 -1.85 18.07
CA GLU A 520 -9.49 -1.28 19.40
C GLU A 520 -8.50 -0.12 19.44
N ASP A 521 -8.70 0.78 20.40
CA ASP A 521 -7.85 1.94 20.59
C ASP A 521 -7.74 2.78 19.32
N CYS A 522 -8.70 2.62 18.43
CA CYS A 522 -8.72 3.37 17.18
C CYS A 522 -9.73 4.51 17.25
N GLY A 523 -9.27 5.72 16.91
CA GLY A 523 -10.16 6.88 16.94
C GLY A 523 -10.96 7.01 15.66
N HIS A 524 -11.34 8.24 15.31
CA HIS A 524 -12.12 8.48 14.10
C HIS A 524 -11.29 8.37 12.83
N TRP A 525 -10.06 8.89 12.88
CA TRP A 525 -9.15 8.86 11.73
C TRP A 525 -8.53 7.48 11.58
N THR A 526 -9.42 6.51 11.41
CA THR A 526 -9.06 5.10 11.27
C THR A 526 -7.81 4.77 10.45
N GLN A 527 -7.81 5.11 9.16
CA GLN A 527 -6.68 4.80 8.29
C GLN A 527 -5.34 5.21 8.87
N MET A 528 -5.27 6.42 9.44
CA MET A 528 -4.05 6.94 10.06
C MET A 528 -3.74 6.24 11.38
N ASP A 529 -4.78 6.10 12.19
CA ASP A 529 -4.67 5.50 13.50
C ASP A 529 -4.15 4.07 13.50
N LYS A 530 -4.84 3.19 12.78
CA LYS A 530 -4.47 1.77 12.71
C LYS A 530 -4.36 1.24 11.28
N PRO A 531 -3.38 1.74 10.52
CA PRO A 531 -3.19 1.31 9.14
C PRO A 531 -2.96 -0.19 8.99
N THR A 532 -2.17 -0.77 9.88
CA THR A 532 -1.87 -2.19 9.82
C THR A 532 -3.10 -3.09 9.93
N GLU A 533 -3.95 -2.80 10.90
CA GLU A 533 -5.17 -3.58 11.13
C GLU A 533 -6.17 -3.37 10.02
N VAL A 534 -6.27 -2.13 9.55
CA VAL A 534 -7.17 -1.78 8.47
C VAL A 534 -6.81 -2.56 7.21
N ASN A 535 -5.55 -2.46 6.80
CA ASN A 535 -5.09 -3.17 5.61
C ASN A 535 -5.38 -4.64 5.78
N GLN A 536 -5.09 -5.16 6.97
CA GLN A 536 -5.33 -6.55 7.30
C GLN A 536 -6.82 -6.89 7.09
N ILE A 537 -7.68 -6.18 7.81
CA ILE A 537 -9.13 -6.35 7.71
C ILE A 537 -9.73 -6.24 6.30
N LEU A 538 -9.33 -5.22 5.55
CA LEU A 538 -9.84 -5.04 4.19
C LEU A 538 -9.31 -6.08 3.21
N ILE A 539 -7.99 -6.31 3.23
CA ILE A 539 -7.40 -7.29 2.34
C ILE A 539 -8.05 -8.65 2.54
N LYS A 540 -8.29 -9.01 3.80
CA LYS A 540 -8.91 -10.28 4.13
C LYS A 540 -10.34 -10.32 3.59
N TRP A 541 -11.04 -9.20 3.67
CA TRP A 541 -12.41 -9.11 3.19
C TRP A 541 -12.51 -9.11 1.66
N LEU A 542 -11.59 -8.40 1.00
CA LEU A 542 -11.57 -8.34 -0.46
C LEU A 542 -11.28 -9.71 -1.06
N ASP A 543 -10.28 -10.37 -0.50
CA ASP A 543 -9.89 -11.68 -1.00
C ASP A 543 -10.99 -12.71 -0.82
N SER A 544 -11.90 -12.46 0.12
CA SER A 544 -12.97 -13.42 0.38
C SER A 544 -14.32 -13.04 -0.21
N ASP A 545 -14.68 -11.76 -0.17
CA ASP A 545 -15.99 -11.35 -0.67
C ASP A 545 -16.00 -10.48 -1.91
N ALA A 546 -14.83 -10.13 -2.44
CA ALA A 546 -14.81 -9.25 -3.60
C ALA A 546 -14.00 -9.74 -4.79
N ARG A 547 -13.22 -10.79 -4.61
CA ARG A 547 -12.40 -11.30 -5.70
C ARG A 547 -13.13 -12.36 -6.51
N ASN A 548 -13.59 -13.41 -5.85
CA ASN A 548 -14.29 -14.50 -6.52
C ASN A 548 -13.50 -14.95 -7.75
MG MG B . 23.44 -14.75 -4.01
P PO4 C . 22.60 -13.47 -6.83
O1 PO4 C . 23.08 -12.12 -6.46
O2 PO4 C . 21.16 -13.61 -6.49
O3 PO4 C . 23.38 -14.51 -6.11
O4 PO4 C . 22.76 -13.65 -8.30
C1 NC7 D . -16.40 14.53 11.61
N2 NC7 D . -16.92 13.46 10.73
C3 NC7 D . -18.27 13.31 10.50
N4 NC7 D . -18.67 12.18 9.84
C5 NC7 D . -20.10 12.00 9.90
C6 NC7 D . -20.95 12.52 8.73
C7 NC7 D . -22.28 12.22 9.36
C8 NC7 D . -23.62 12.46 8.71
C9 NC7 D . -24.41 12.05 9.96
O10 NC7 D . -19.07 14.04 10.99
C11 NC7 D . -25.92 12.07 9.99
C12 NC7 D . -26.39 11.71 11.40
O13 NC7 D . -27.73 11.69 11.44
O14 NC7 D . -25.72 11.44 12.40
C15 NC7 D . -15.55 13.91 12.74
C16 NC7 D . -14.96 15.00 13.66
C17 NC7 D . -14.12 16.03 12.86
C18 NC7 D . -14.94 16.63 11.69
C19 NC7 D . -15.51 15.52 10.78
#